data_5LA4
#
_entry.id   5LA4
#
_cell.length_a   50.501
_cell.length_b   88.061
_cell.length_c   120.497
_cell.angle_alpha   90.00
_cell.angle_beta   90.00
_cell.angle_gamma   90.00
#
_symmetry.space_group_name_H-M   'P 21 21 21'
#
loop_
_entity.id
_entity.type
_entity.pdbx_description
1 polymer Heparanase
2 branched beta-D-mannopyranose-(1-4)-2-acetamido-2-deoxy-beta-D-glucopyranose-(1-4)-2-acetamido-2-deoxy-beta-D-glucopyranose
3 branched alpha-L-fucopyranose-(1-6)-2-acetamido-2-deoxy-beta-D-glucopyranose
4 non-polymer 2-acetamido-2-deoxy-beta-D-glucopyranose
5 non-polymer 1,2-ETHANEDIOL
6 water water
#
_entity_poly.entity_id   1
_entity_poly.type   'polypeptide(L)'
_entity_poly.pdbx_seq_one_letter_code
;GQDVVDLDFFTQEPLHLVSPSFLSVTIDANLATDPRFLILLGSPKLRTLARGLSPAYLRFGGTKTDFLIFDPKKESTFEE
RSYWQSQVNQDICKYGSIPPDVEEKLRLEWPYQEQLLLREHYQKKFKNSTYSRSSVDVLYTFANCSGLDLIFGLNALLRT
ADLQWNSSNAQLLLDYCSSKGYNISWELGNEPNSFLKKADIFINGSQLGEDFIQLHKLLRKSTFKNAKLYGPDVGQPRRK
TAKMLKSFLKAGGEVIDSVTWHHYYLNGRTATREDFLNPDVLDIFISSVQKVFQVVESTRPGKKVWLGETSSAYGGGAPL
LSDTFAAGFMWLDKLGLSARMGIEVVMRQVFFGAGNYHLVDENFDPLPDYWLSLLFKKLVGTKVLMASVQGSKRRKLRVY
LHCTNTDNPRYKEGDLTLYAINLHNVTKYLRLPYPFSNKQVDKYLLRPLGPHGLLSKSVQLNGLTLKMVDDQTLPPLMEK
PLRPGSSLGLPAFSYSFFVIRNAKVAACI
;
_entity_poly.pdbx_strand_id   A
#
loop_
_chem_comp.id
_chem_comp.type
_chem_comp.name
_chem_comp.formula
BMA D-saccharide, beta linking beta-D-mannopyranose 'C6 H12 O6'
EDO non-polymer 1,2-ETHANEDIOL 'C2 H6 O2'
FUC L-saccharide, alpha linking alpha-L-fucopyranose 'C6 H12 O5'
NAG D-saccharide, beta linking 2-acetamido-2-deoxy-beta-D-glucopyranose 'C8 H15 N O6'
#
# COMPACT_ATOMS: atom_id res chain seq x y z
N GLN A 2 12.17 19.66 30.69
CA GLN A 2 11.39 20.36 29.63
C GLN A 2 11.06 19.39 28.49
N ASP A 3 9.76 19.18 28.29
CA ASP A 3 9.25 18.33 27.22
C ASP A 3 8.67 19.19 26.08
N VAL A 4 9.24 20.37 25.87
CA VAL A 4 8.78 21.35 24.88
C VAL A 4 9.86 21.44 23.81
N VAL A 5 9.50 21.17 22.55
CA VAL A 5 10.47 20.97 21.48
C VAL A 5 10.16 21.94 20.34
N ASP A 6 11.17 22.69 19.91
CA ASP A 6 10.98 23.68 18.85
C ASP A 6 11.11 23.00 17.50
N LEU A 7 10.17 23.28 16.61
CA LEU A 7 10.22 22.79 15.22
C LEU A 7 10.87 23.79 14.31
N ASP A 8 11.64 23.25 13.35
CA ASP A 8 12.10 24.01 12.23
C ASP A 8 11.34 23.57 11.00
N PHE A 9 10.93 24.52 10.18
CA PHE A 9 10.22 24.25 8.92
C PHE A 9 11.02 24.80 7.75
N PHE A 10 11.09 24.03 6.67
CA PHE A 10 11.76 24.41 5.43
C PHE A 10 10.71 24.33 4.31
N THR A 11 10.14 25.49 4.02
CA THR A 11 8.95 25.60 3.18
C THR A 11 9.19 26.29 1.83
N GLN A 12 10.45 26.59 1.50
CA GLN A 12 10.72 27.45 0.35
C GLN A 12 10.36 26.79 -0.96
N GLU A 13 10.62 25.49 -1.07
CA GLU A 13 10.22 24.76 -2.26
C GLU A 13 10.08 23.28 -1.92
N PRO A 14 9.28 22.57 -2.70
CA PRO A 14 9.13 21.12 -2.42
C PRO A 14 10.42 20.34 -2.50
N LEU A 15 10.67 19.45 -1.53
CA LEU A 15 11.76 18.46 -1.65
C LEU A 15 11.52 17.45 -2.76
N HIS A 16 10.27 16.94 -2.81
CA HIS A 16 9.81 15.96 -3.77
C HIS A 16 8.35 16.21 -3.99
N LEU A 17 7.86 15.71 -5.09
CA LEU A 17 6.44 15.62 -5.41
C LEU A 17 6.07 14.13 -5.46
N VAL A 18 5.17 13.71 -4.58
CA VAL A 18 4.66 12.34 -4.58
C VAL A 18 3.44 12.26 -5.48
N SER A 19 3.09 11.09 -5.92
CA SER A 19 1.92 10.90 -6.75
C SER A 19 0.68 11.23 -5.88
N PRO A 20 -0.44 11.71 -6.47
CA PRO A 20 -1.72 11.73 -5.72
C PRO A 20 -2.11 10.36 -5.15
N SER A 21 -1.64 9.32 -5.82
CA SER A 21 -1.80 7.93 -5.42
C SER A 21 -0.70 7.40 -4.50
N PHE A 22 -0.01 8.31 -3.81
CA PHE A 22 1.15 7.99 -3.01
C PHE A 22 0.85 6.83 -2.05
N LEU A 23 -0.29 6.94 -1.36
CA LEU A 23 -0.75 5.82 -0.48
C LEU A 23 -1.67 4.88 -1.28
N SER A 24 -1.10 3.74 -1.68
CA SER A 24 -1.74 2.76 -2.48
C SER A 24 -1.78 1.42 -1.68
N VAL A 25 -2.40 0.41 -2.26
CA VAL A 25 -2.72 -0.84 -1.56
C VAL A 25 -2.55 -2.01 -2.48
N THR A 26 -2.45 -3.21 -1.88
CA THR A 26 -2.42 -4.45 -2.62
C THR A 26 -3.59 -5.36 -2.30
N ILE A 27 -3.80 -6.30 -3.20
CA ILE A 27 -4.55 -7.50 -2.94
C ILE A 27 -3.58 -8.61 -3.29
N ASP A 28 -3.32 -9.51 -2.35
CA ASP A 28 -2.41 -10.60 -2.59
C ASP A 28 -2.96 -11.55 -3.69
N ALA A 29 -2.08 -11.91 -4.59
CA ALA A 29 -2.40 -12.87 -5.63
C ALA A 29 -2.93 -14.20 -5.06
N ASN A 30 -2.59 -14.54 -3.81
CA ASN A 30 -3.06 -15.79 -3.20
C ASN A 30 -4.56 -15.82 -2.91
N LEU A 31 -5.22 -14.66 -2.92
CA LEU A 31 -6.70 -14.65 -2.90
C LEU A 31 -7.31 -15.41 -4.07
N ALA A 32 -6.56 -15.55 -5.17
CA ALA A 32 -7.01 -16.29 -6.35
C ALA A 32 -6.61 -17.78 -6.35
N THR A 33 -5.86 -18.25 -5.34
CA THR A 33 -5.49 -19.67 -5.22
C THR A 33 -6.73 -20.55 -5.32
N ASP A 34 -7.74 -20.23 -4.52
CA ASP A 34 -9.10 -20.70 -4.74
C ASP A 34 -9.95 -19.47 -5.16
N PRO A 35 -10.20 -19.29 -6.48
CA PRO A 35 -10.77 -18.02 -6.99
C PRO A 35 -12.17 -17.66 -6.48
N ARG A 36 -12.90 -18.62 -5.92
CA ARG A 36 -14.14 -18.33 -5.22
C ARG A 36 -14.01 -17.18 -4.24
N PHE A 37 -12.88 -17.10 -3.55
CA PHE A 37 -12.70 -16.07 -2.52
C PHE A 37 -12.54 -14.66 -3.06
N LEU A 38 -12.28 -14.54 -4.37
CA LEU A 38 -12.31 -13.19 -5.00
C LEU A 38 -13.69 -12.55 -4.95
N ILE A 39 -14.75 -13.33 -4.84
CA ILE A 39 -16.12 -12.85 -4.76
C ILE A 39 -16.31 -12.02 -3.51
N LEU A 40 -15.49 -12.24 -2.47
CA LEU A 40 -15.53 -11.39 -1.28
C LEU A 40 -15.32 -9.91 -1.63
N LEU A 41 -14.56 -9.65 -2.70
CA LEU A 41 -14.39 -8.28 -3.23
C LEU A 41 -15.68 -7.63 -3.82
N GLY A 42 -16.77 -8.40 -3.94
CA GLY A 42 -18.08 -7.84 -4.32
C GLY A 42 -18.85 -7.16 -3.18
N SER A 43 -18.30 -7.20 -1.96
CA SER A 43 -18.95 -6.64 -0.80
C SER A 43 -19.05 -5.11 -0.96
N PRO A 44 -20.26 -4.56 -0.80
CA PRO A 44 -20.41 -3.11 -0.76
C PRO A 44 -19.61 -2.44 0.38
N LYS A 45 -19.46 -3.12 1.51
CA LYS A 45 -18.66 -2.62 2.63
C LYS A 45 -17.19 -2.44 2.22
N LEU A 46 -16.61 -3.45 1.58
CA LEU A 46 -15.24 -3.33 1.08
C LEU A 46 -15.07 -2.21 0.03
N ARG A 47 -16.07 -2.06 -0.83
N ARG A 47 -16.07 -2.04 -0.83
CA ARG A 47 -16.13 -0.97 -1.83
CA ARG A 47 -16.07 -0.97 -1.83
C ARG A 47 -16.09 0.40 -1.16
C ARG A 47 -16.10 0.43 -1.19
N THR A 48 -16.93 0.61 -0.17
CA THR A 48 -16.95 1.86 0.60
C THR A 48 -15.58 2.19 1.18
N LEU A 49 -14.95 1.19 1.77
CA LEU A 49 -13.69 1.36 2.37
C LEU A 49 -12.62 1.63 1.32
N ALA A 50 -12.60 0.88 0.21
CA ALA A 50 -11.62 1.10 -0.85
C ALA A 50 -11.74 2.49 -1.44
N ARG A 51 -12.97 2.93 -1.67
CA ARG A 51 -13.25 4.28 -2.23
C ARG A 51 -12.68 5.37 -1.39
N GLY A 52 -12.66 5.16 -0.08
CA GLY A 52 -12.09 6.14 0.83
C GLY A 52 -10.61 6.37 0.59
N LEU A 53 -9.91 5.40 0.01
CA LEU A 53 -8.47 5.53 -0.30
C LEU A 53 -8.18 6.03 -1.74
N SER A 54 -9.21 6.24 -2.55
CA SER A 54 -9.04 6.78 -3.93
C SER A 54 -8.55 8.25 -3.83
N PRO A 55 -7.67 8.74 -4.69
CA PRO A 55 -6.99 7.96 -5.73
C PRO A 55 -5.89 7.06 -5.20
N ALA A 56 -5.83 5.85 -5.77
CA ALA A 56 -4.77 4.90 -5.43
C ALA A 56 -4.65 3.79 -6.47
N TYR A 57 -3.46 3.21 -6.55
CA TYR A 57 -3.25 1.95 -7.26
C TYR A 57 -3.70 0.80 -6.37
N LEU A 58 -4.20 -0.23 -7.02
CA LEU A 58 -4.51 -1.53 -6.42
C LEU A 58 -3.64 -2.53 -7.14
N ARG A 59 -2.61 -3.03 -6.47
CA ARG A 59 -1.69 -4.01 -7.08
C ARG A 59 -2.12 -5.42 -6.72
N PHE A 60 -2.54 -6.18 -7.72
CA PHE A 60 -2.83 -7.60 -7.58
C PHE A 60 -1.55 -8.38 -7.81
N GLY A 61 -0.88 -8.81 -6.74
CA GLY A 61 0.35 -9.56 -6.88
C GLY A 61 0.79 -10.13 -5.55
N GLY A 62 1.91 -10.81 -5.56
CA GLY A 62 2.39 -11.54 -4.35
C GLY A 62 3.11 -12.81 -4.82
N THR A 63 3.54 -13.64 -3.87
CA THR A 63 4.28 -14.85 -4.24
C THR A 63 3.55 -15.66 -5.31
N LYS A 64 2.25 -15.79 -5.15
CA LYS A 64 1.39 -16.55 -6.05
C LYS A 64 1.34 -16.00 -7.52
N THR A 65 1.71 -14.74 -7.74
CA THR A 65 1.84 -14.18 -9.11
C THR A 65 2.55 -15.17 -10.08
N ASP A 66 3.59 -15.83 -9.61
CA ASP A 66 4.38 -16.76 -10.43
C ASP A 66 3.94 -18.24 -10.41
N PHE A 67 2.74 -18.47 -9.90
CA PHE A 67 2.10 -19.78 -9.89
C PHE A 67 0.63 -19.70 -10.28
N LEU A 68 0.29 -18.64 -11.03
CA LEU A 68 -1.06 -18.44 -11.52
C LEU A 68 -1.01 -18.45 -13.05
N ILE A 69 -2.02 -19.09 -13.63
CA ILE A 69 -2.09 -19.28 -15.09
C ILE A 69 -3.51 -18.93 -15.54
N PHE A 70 -3.60 -18.02 -16.51
CA PHE A 70 -4.89 -17.66 -17.07
C PHE A 70 -5.42 -18.81 -17.94
N ASP A 71 -6.61 -19.27 -17.63
CA ASP A 71 -7.29 -20.25 -18.46
C ASP A 71 -8.64 -19.71 -18.92
N PRO A 72 -8.73 -19.27 -20.19
CA PRO A 72 -10.03 -18.75 -20.65
C PRO A 72 -11.21 -19.74 -20.71
N LYS A 73 -10.95 -21.05 -20.58
CA LYS A 73 -12.03 -22.06 -20.55
C LYS A 73 -12.27 -22.67 -19.17
N LYS A 74 -11.67 -22.12 -18.11
CA LYS A 74 -11.80 -22.71 -16.77
C LYS A 74 -13.24 -22.64 -16.35
N GLU A 75 -13.68 -23.69 -15.67
CA GLU A 75 -15.05 -23.79 -15.23
C GLU A 75 -15.23 -22.93 -14.00
N SER A 76 -16.45 -22.44 -13.80
CA SER A 76 -16.77 -21.60 -12.66
C SER A 76 -17.44 -22.46 -11.61
N THR A 77 -17.57 -21.89 -10.43
CA THR A 77 -18.20 -22.53 -9.29
C THR A 77 -19.56 -21.94 -9.04
N PHE A 78 -20.31 -22.61 -8.18
CA PHE A 78 -21.62 -22.16 -7.75
C PHE A 78 -21.61 -20.71 -7.22
N GLU A 79 -20.61 -20.39 -6.38
CA GLU A 79 -20.39 -19.05 -5.84
C GLU A 79 -20.23 -17.99 -6.94
N GLU A 80 -19.27 -18.22 -7.83
CA GLU A 80 -19.01 -17.31 -8.97
C GLU A 80 -20.20 -17.16 -9.91
N ARG A 81 -20.85 -18.26 -10.22
CA ARG A 81 -21.95 -18.22 -11.20
C ARG A 81 -23.09 -17.40 -10.61
N SER A 82 -23.36 -17.63 -9.32
CA SER A 82 -24.40 -16.92 -8.62
C SER A 82 -24.15 -15.42 -8.44
N TYR A 83 -22.88 -15.05 -8.25
CA TYR A 83 -22.52 -13.65 -8.06
C TYR A 83 -22.78 -12.90 -9.36
N TRP A 84 -22.22 -13.42 -10.46
CA TRP A 84 -22.37 -12.77 -11.75
C TRP A 84 -23.83 -12.73 -12.26
N GLN A 85 -24.59 -13.77 -11.97
CA GLN A 85 -26.03 -13.83 -12.31
C GLN A 85 -26.84 -12.74 -11.60
N SER A 86 -26.47 -12.39 -10.38
CA SER A 86 -27.16 -11.33 -9.66
C SER A 86 -26.80 -9.93 -10.14
N GLN A 87 -25.69 -9.75 -10.85
CA GLN A 87 -25.30 -8.43 -11.38
C GLN A 87 -25.87 -8.11 -12.76
N VAL A 88 -26.50 -9.07 -13.42
CA VAL A 88 -26.96 -8.92 -14.79
C VAL A 88 -27.98 -7.78 -14.87
N ASN A 89 -27.80 -6.87 -15.84
CA ASN A 89 -28.67 -5.69 -16.02
C ASN A 89 -28.69 -4.72 -14.84
N GLN A 90 -27.59 -4.65 -14.09
CA GLN A 90 -27.52 -3.75 -12.95
C GLN A 90 -26.23 -2.98 -12.98
N ASP A 91 -26.30 -1.70 -12.66
CA ASP A 91 -25.11 -0.90 -12.44
C ASP A 91 -24.35 -1.48 -11.24
N ILE A 92 -23.31 -2.23 -11.55
CA ILE A 92 -22.58 -2.98 -10.54
C ILE A 92 -21.88 -2.04 -9.53
N CYS A 93 -21.46 -0.85 -9.96
CA CYS A 93 -20.78 0.10 -9.05
C CYS A 93 -21.72 0.77 -8.07
N LYS A 94 -22.96 0.96 -8.48
CA LYS A 94 -23.96 1.54 -7.61
C LYS A 94 -24.57 0.52 -6.69
N TYR A 95 -24.86 -0.67 -7.22
CA TYR A 95 -25.78 -1.58 -6.56
C TYR A 95 -25.23 -2.99 -6.36
N GLY A 96 -23.98 -3.24 -6.71
CA GLY A 96 -23.45 -4.60 -6.70
C GLY A 96 -23.34 -5.08 -5.27
N SER A 97 -23.72 -6.33 -5.01
CA SER A 97 -23.53 -6.97 -3.71
C SER A 97 -23.36 -8.46 -3.96
N ILE A 98 -23.06 -9.19 -2.89
CA ILE A 98 -22.90 -10.65 -2.94
C ILE A 98 -24.24 -11.29 -2.51
N PRO A 99 -24.74 -12.31 -3.25
CA PRO A 99 -25.95 -13.02 -2.70
C PRO A 99 -25.73 -13.52 -1.29
N PRO A 100 -26.75 -13.40 -0.40
CA PRO A 100 -26.52 -13.61 1.02
C PRO A 100 -26.08 -15.02 1.40
N ASP A 101 -26.61 -16.02 0.72
CA ASP A 101 -26.15 -17.42 0.87
C ASP A 101 -24.67 -17.59 0.48
N VAL A 102 -24.25 -16.96 -0.60
CA VAL A 102 -22.86 -17.02 -1.07
C VAL A 102 -21.96 -16.29 -0.11
N GLU A 103 -22.40 -15.13 0.37
CA GLU A 103 -21.63 -14.37 1.36
C GLU A 103 -21.46 -15.13 2.66
N GLU A 104 -22.54 -15.73 3.16
CA GLU A 104 -22.48 -16.49 4.42
C GLU A 104 -21.47 -17.66 4.30
N LYS A 105 -21.57 -18.45 3.23
CA LYS A 105 -20.70 -19.61 3.00
C LYS A 105 -19.21 -19.23 2.91
N LEU A 106 -18.91 -18.21 2.11
CA LEU A 106 -17.53 -17.77 1.93
C LEU A 106 -16.93 -17.25 3.22
N ARG A 107 -17.74 -16.59 4.03
CA ARG A 107 -17.30 -16.11 5.33
C ARG A 107 -17.10 -17.22 6.35
N LEU A 108 -17.91 -18.27 6.30
CA LEU A 108 -17.69 -19.50 7.11
C LEU A 108 -16.41 -20.23 6.71
N GLU A 109 -16.15 -20.32 5.42
CA GLU A 109 -14.95 -20.99 4.90
C GLU A 109 -13.65 -20.19 5.02
N TRP A 110 -13.76 -18.86 5.12
CA TRP A 110 -12.60 -17.98 5.02
C TRP A 110 -11.52 -18.18 6.09
N PRO A 111 -11.88 -18.39 7.37
CA PRO A 111 -10.78 -18.64 8.33
C PRO A 111 -9.91 -19.91 8.09
N TYR A 112 -10.51 -21.02 7.66
CA TYR A 112 -9.79 -22.20 7.16
C TYR A 112 -8.91 -21.80 5.97
N GLN A 113 -9.51 -21.17 4.96
CA GLN A 113 -8.77 -20.74 3.77
C GLN A 113 -7.58 -19.86 4.14
N GLU A 114 -7.76 -18.92 5.06
CA GLU A 114 -6.68 -18.04 5.48
C GLU A 114 -5.53 -18.85 6.10
N GLN A 115 -5.87 -19.89 6.87
CA GLN A 115 -4.82 -20.75 7.44
C GLN A 115 -4.07 -21.50 6.36
N LEU A 116 -4.80 -22.04 5.40
CA LEU A 116 -4.19 -22.72 4.29
C LEU A 116 -3.26 -21.78 3.51
N LEU A 117 -3.74 -20.59 3.18
CA LEU A 117 -2.93 -19.62 2.46
C LEU A 117 -1.67 -19.25 3.24
N LEU A 118 -1.80 -18.97 4.52
CA LEU A 118 -0.64 -18.63 5.35
C LEU A 118 0.38 -19.77 5.52
N ARG A 119 -0.09 -21.02 5.68
CA ARG A 119 0.81 -22.19 5.84
C ARG A 119 1.50 -22.56 4.53
N GLU A 120 0.77 -22.49 3.42
CA GLU A 120 1.36 -22.70 2.10
C GLU A 120 2.52 -21.74 1.88
N HIS A 121 2.32 -20.48 2.28
CA HIS A 121 3.36 -19.47 2.19
C HIS A 121 4.57 -19.86 3.02
N TYR A 122 4.37 -20.11 4.31
CA TYR A 122 5.50 -20.39 5.20
C TYR A 122 6.28 -21.65 4.80
N GLN A 123 5.59 -22.68 4.31
CA GLN A 123 6.25 -23.91 3.82
C GLN A 123 6.91 -23.80 2.43
N LYS A 124 6.61 -22.74 1.67
CA LYS A 124 7.16 -22.53 0.31
C LYS A 124 6.85 -23.72 -0.62
N LYS A 125 5.59 -24.19 -0.56
CA LYS A 125 5.11 -25.32 -1.35
C LYS A 125 3.93 -24.88 -2.24
N PHE A 126 4.27 -24.09 -3.26
CA PHE A 126 3.27 -23.51 -4.16
C PHE A 126 3.03 -24.44 -5.34
N LYS A 127 1.76 -24.61 -5.70
CA LYS A 127 1.36 -25.33 -6.91
C LYS A 127 0.83 -24.34 -7.90
N ASN A 128 0.82 -24.71 -9.18
CA ASN A 128 0.16 -23.90 -10.18
C ASN A 128 -1.32 -24.00 -9.97
N SER A 129 -2.02 -22.89 -10.19
CA SER A 129 -3.45 -22.91 -10.24
C SER A 129 -3.86 -21.97 -11.34
N THR A 130 -5.09 -22.15 -11.82
CA THR A 130 -5.59 -21.37 -12.93
C THR A 130 -6.67 -20.44 -12.40
N TYR A 131 -6.91 -19.36 -13.15
CA TYR A 131 -8.01 -18.43 -12.88
C TYR A 131 -8.72 -18.10 -14.19
N SER A 132 -10.00 -17.80 -14.08
CA SER A 132 -10.89 -17.59 -15.20
C SER A 132 -11.00 -16.12 -15.60
N ARG A 133 -11.78 -15.91 -16.66
CA ARG A 133 -12.14 -14.57 -17.11
C ARG A 133 -12.98 -13.84 -16.06
N SER A 134 -13.91 -14.55 -15.42
CA SER A 134 -14.73 -13.97 -14.34
C SER A 134 -13.89 -13.43 -13.15
N SER A 135 -12.77 -14.10 -12.85
CA SER A 135 -11.86 -13.68 -11.77
C SER A 135 -11.23 -12.33 -12.12
N VAL A 136 -10.72 -12.23 -13.34
CA VAL A 136 -10.23 -10.97 -13.91
C VAL A 136 -11.30 -9.90 -13.78
N ASP A 137 -12.53 -10.22 -14.18
CA ASP A 137 -13.65 -9.30 -14.11
C ASP A 137 -13.94 -8.85 -12.67
N VAL A 138 -13.85 -9.76 -11.69
CA VAL A 138 -14.00 -9.37 -10.28
C VAL A 138 -12.93 -8.34 -9.87
N LEU A 139 -11.68 -8.60 -10.22
CA LEU A 139 -10.61 -7.67 -9.88
C LEU A 139 -10.76 -6.34 -10.55
N TYR A 140 -11.08 -6.38 -11.83
CA TYR A 140 -11.26 -5.15 -12.60
C TYR A 140 -12.41 -4.30 -12.08
N THR A 141 -13.58 -4.89 -11.88
CA THR A 141 -14.74 -4.13 -11.42
C THR A 141 -14.60 -3.64 -9.98
N PHE A 142 -13.99 -4.46 -9.11
CA PHE A 142 -13.69 -3.97 -7.74
C PHE A 142 -12.83 -2.70 -7.81
N ALA A 143 -11.72 -2.76 -8.56
CA ALA A 143 -10.84 -1.62 -8.69
C ALA A 143 -11.59 -0.43 -9.31
N ASN A 144 -12.27 -0.68 -10.43
CA ASN A 144 -12.95 0.38 -11.19
C ASN A 144 -14.05 1.02 -10.38
N CYS A 145 -14.90 0.21 -9.76
CA CYS A 145 -15.96 0.74 -8.91
C CYS A 145 -15.48 1.50 -7.68
N SER A 146 -14.25 1.21 -7.21
CA SER A 146 -13.68 1.83 -6.06
C SER A 146 -12.82 3.07 -6.37
N GLY A 147 -12.68 3.42 -7.65
CA GLY A 147 -11.82 4.52 -8.12
C GLY A 147 -10.34 4.20 -7.95
N LEU A 148 -9.96 2.93 -8.13
CA LEU A 148 -8.58 2.53 -8.01
C LEU A 148 -8.08 2.10 -9.35
N ASP A 149 -6.78 2.22 -9.53
CA ASP A 149 -6.15 1.81 -10.76
C ASP A 149 -5.46 0.46 -10.64
N LEU A 150 -5.98 -0.52 -11.36
CA LEU A 150 -5.47 -1.89 -11.23
C LEU A 150 -4.08 -2.07 -11.84
N ILE A 151 -3.18 -2.69 -11.07
CA ILE A 151 -1.88 -3.16 -11.57
C ILE A 151 -1.90 -4.70 -11.41
N PHE A 152 -1.68 -5.43 -12.50
CA PHE A 152 -1.79 -6.91 -12.51
C PHE A 152 -0.42 -7.53 -12.76
N GLY A 153 0.03 -8.38 -11.82
CA GLY A 153 1.31 -9.05 -11.92
C GLY A 153 1.15 -10.31 -12.77
N LEU A 154 1.90 -10.36 -13.87
CA LEU A 154 1.97 -11.55 -14.74
C LEU A 154 2.98 -12.58 -14.27
N ASN A 155 2.70 -13.84 -14.62
CA ASN A 155 3.52 -15.01 -14.22
C ASN A 155 4.83 -15.05 -15.01
N ALA A 156 5.95 -14.85 -14.33
CA ALA A 156 7.25 -14.84 -14.96
C ALA A 156 7.95 -16.22 -14.93
N LEU A 157 7.31 -17.23 -14.35
CA LEU A 157 7.93 -18.57 -14.28
C LEU A 157 7.45 -19.51 -15.40
N LEU A 158 6.72 -18.98 -16.37
CA LEU A 158 6.37 -19.69 -17.59
C LEU A 158 7.58 -19.47 -18.49
N ARG A 159 8.28 -20.57 -18.79
CA ARG A 159 9.61 -20.52 -19.34
C ARG A 159 9.77 -21.49 -20.54
N THR A 160 10.49 -21.05 -21.56
CA THR A 160 10.87 -21.90 -22.70
C THR A 160 11.96 -22.87 -22.26
N ALA A 161 12.34 -23.79 -23.15
CA ALA A 161 13.46 -24.71 -22.91
C ALA A 161 14.74 -23.96 -22.56
N ASP A 162 15.08 -22.94 -23.32
CA ASP A 162 16.34 -22.18 -23.11
C ASP A 162 16.26 -20.99 -22.11
N LEU A 163 15.31 -21.05 -21.16
CA LEU A 163 15.26 -20.13 -20.00
C LEU A 163 14.76 -18.70 -20.32
N GLN A 164 13.95 -18.57 -21.37
CA GLN A 164 13.34 -17.30 -21.75
C GLN A 164 11.92 -17.31 -21.29
N TRP A 165 11.39 -16.13 -20.97
CA TRP A 165 9.97 -16.01 -20.63
C TRP A 165 9.16 -16.41 -21.85
N ASN A 166 8.18 -17.27 -21.63
CA ASN A 166 7.24 -17.66 -22.65
C ASN A 166 5.99 -16.82 -22.42
N SER A 167 5.74 -15.90 -23.34
CA SER A 167 4.67 -14.93 -23.24
C SER A 167 3.28 -15.35 -23.74
N SER A 168 3.08 -16.60 -24.11
CA SER A 168 1.79 -17.00 -24.72
C SER A 168 0.57 -16.89 -23.78
N ASN A 169 0.75 -17.20 -22.49
CA ASN A 169 -0.36 -17.04 -21.53
C ASN A 169 -0.67 -15.54 -21.31
N ALA A 170 0.37 -14.74 -21.10
CA ALA A 170 0.21 -13.29 -21.03
C ALA A 170 -0.61 -12.81 -22.22
N GLN A 171 -0.20 -13.19 -23.43
CA GLN A 171 -0.94 -12.79 -24.64
C GLN A 171 -2.43 -13.14 -24.57
N LEU A 172 -2.76 -14.33 -24.06
CA LEU A 172 -4.16 -14.70 -23.88
C LEU A 172 -4.84 -13.67 -23.00
N LEU A 173 -4.23 -13.37 -21.85
CA LEU A 173 -4.79 -12.41 -20.91
C LEU A 173 -4.92 -11.00 -21.48
N LEU A 174 -3.85 -10.48 -22.05
CA LEU A 174 -3.86 -9.14 -22.64
C LEU A 174 -4.93 -8.97 -23.73
N ASP A 175 -5.14 -10.00 -24.53
CA ASP A 175 -6.19 -9.98 -25.55
C ASP A 175 -7.56 -9.97 -24.91
N TYR A 176 -7.75 -10.77 -23.86
CA TYR A 176 -9.03 -10.78 -23.16
C TYR A 176 -9.34 -9.38 -22.61
N CYS A 177 -8.34 -8.78 -21.95
CA CYS A 177 -8.51 -7.47 -21.34
C CYS A 177 -8.82 -6.38 -22.40
N SER A 178 -8.10 -6.40 -23.51
CA SER A 178 -8.43 -5.55 -24.67
C SER A 178 -9.88 -5.67 -25.12
N SER A 179 -10.33 -6.90 -25.34
CA SER A 179 -11.69 -7.14 -25.77
C SER A 179 -12.77 -6.63 -24.79
N LYS A 180 -12.44 -6.44 -23.51
CA LYS A 180 -13.39 -5.87 -22.52
C LYS A 180 -13.26 -4.35 -22.29
N GLY A 181 -12.23 -3.73 -22.88
CA GLY A 181 -11.94 -2.31 -22.70
C GLY A 181 -11.27 -1.97 -21.37
N TYR A 182 -10.57 -2.94 -20.78
CA TYR A 182 -9.93 -2.77 -19.46
C TYR A 182 -8.65 -1.91 -19.46
N ASN A 183 -8.64 -0.83 -18.67
CA ASN A 183 -7.46 0.02 -18.44
C ASN A 183 -6.65 -0.57 -17.28
N ILE A 184 -5.61 -1.35 -17.60
CA ILE A 184 -4.82 -2.09 -16.58
C ILE A 184 -3.33 -1.83 -16.84
N SER A 185 -2.54 -1.62 -15.77
CA SER A 185 -1.10 -1.54 -15.83
C SER A 185 -0.52 -2.90 -15.42
N TRP A 186 0.73 -3.16 -15.78
CA TRP A 186 1.26 -4.54 -15.69
C TRP A 186 2.55 -4.59 -14.93
N GLU A 187 2.76 -5.73 -14.28
CA GLU A 187 4.04 -6.13 -13.73
C GLU A 187 4.34 -7.53 -14.30
N LEU A 188 5.59 -7.96 -14.18
CA LEU A 188 6.00 -9.31 -14.55
C LEU A 188 6.91 -9.88 -13.46
N GLY A 189 6.38 -10.86 -12.77
CA GLY A 189 7.12 -11.53 -11.73
C GLY A 189 6.99 -10.83 -10.40
N ASN A 190 7.19 -11.60 -9.35
CA ASN A 190 7.22 -11.09 -7.99
C ASN A 190 8.44 -11.62 -7.27
N GLU A 191 9.27 -10.73 -6.69
CA GLU A 191 10.47 -11.14 -5.93
C GLU A 191 11.24 -12.27 -6.68
N PRO A 192 11.70 -11.96 -7.91
CA PRO A 192 12.54 -12.87 -8.74
C PRO A 192 13.83 -13.31 -8.02
N ASN A 193 14.34 -12.46 -7.13
CA ASN A 193 15.42 -12.84 -6.23
C ASN A 193 15.21 -14.17 -5.47
N SER A 194 13.98 -14.58 -5.20
CA SER A 194 13.77 -15.83 -4.51
C SER A 194 13.22 -16.95 -5.40
N PHE A 195 13.36 -16.83 -6.73
CA PHE A 195 12.86 -17.87 -7.64
C PHE A 195 13.57 -19.23 -7.40
N LEU A 196 14.83 -19.17 -7.02
CA LEU A 196 15.61 -20.40 -6.81
C LEU A 196 14.99 -21.18 -5.64
N LYS A 197 14.75 -20.51 -4.52
CA LYS A 197 14.08 -21.13 -3.39
C LYS A 197 12.64 -21.59 -3.71
N LYS A 198 11.90 -20.79 -4.47
CA LYS A 198 10.45 -21.02 -4.67
C LYS A 198 10.12 -22.04 -5.76
N ALA A 199 10.96 -22.12 -6.78
CA ALA A 199 10.68 -22.94 -7.95
C ALA A 199 11.87 -23.73 -8.48
N ASP A 200 13.00 -23.71 -7.76
CA ASP A 200 14.33 -24.12 -8.25
C ASP A 200 14.60 -23.85 -9.74
N ILE A 201 14.28 -22.61 -10.13
CA ILE A 201 14.72 -22.02 -11.40
C ILE A 201 15.41 -20.75 -10.94
N PHE A 202 16.63 -20.53 -11.43
CA PHE A 202 17.31 -19.27 -11.24
C PHE A 202 17.21 -18.47 -12.53
N ILE A 203 16.59 -17.29 -12.46
CA ILE A 203 16.55 -16.34 -13.59
C ILE A 203 17.35 -15.15 -13.16
N ASN A 204 18.39 -14.80 -13.91
CA ASN A 204 19.18 -13.65 -13.52
C ASN A 204 18.57 -12.37 -14.10
N GLY A 205 19.10 -11.24 -13.65
CA GLY A 205 18.49 -9.94 -13.93
C GLY A 205 18.59 -9.50 -15.36
N SER A 206 19.69 -9.86 -16.04
CA SER A 206 19.82 -9.57 -17.49
C SER A 206 18.72 -10.26 -18.28
N GLN A 207 18.52 -11.54 -18.00
CA GLN A 207 17.45 -12.31 -18.60
C GLN A 207 16.07 -11.75 -18.25
N LEU A 208 15.85 -11.39 -16.98
CA LEU A 208 14.53 -10.84 -16.60
C LEU A 208 14.26 -9.51 -17.33
N GLY A 209 15.30 -8.70 -17.55
CA GLY A 209 15.18 -7.49 -18.34
C GLY A 209 14.74 -7.74 -19.77
N GLU A 210 15.28 -8.81 -20.38
CA GLU A 210 14.89 -9.24 -21.72
C GLU A 210 13.44 -9.69 -21.76
N ASP A 211 13.02 -10.38 -20.71
CA ASP A 211 11.62 -10.73 -20.57
C ASP A 211 10.76 -9.47 -20.52
N PHE A 212 11.16 -8.47 -19.76
CA PHE A 212 10.39 -7.21 -19.71
C PHE A 212 10.36 -6.54 -21.09
N ILE A 213 11.50 -6.52 -21.77
CA ILE A 213 11.54 -6.03 -23.17
C ILE A 213 10.48 -6.73 -24.03
N GLN A 214 10.41 -8.05 -23.92
CA GLN A 214 9.41 -8.85 -24.63
C GLN A 214 8.00 -8.36 -24.32
N LEU A 215 7.69 -8.27 -23.02
CA LEU A 215 6.35 -7.82 -22.60
C LEU A 215 6.01 -6.43 -23.15
N HIS A 216 6.95 -5.49 -23.06
CA HIS A 216 6.73 -4.13 -23.56
C HIS A 216 6.28 -4.16 -25.01
N LYS A 217 6.96 -4.99 -25.82
CA LYS A 217 6.60 -5.15 -27.24
C LYS A 217 5.15 -5.64 -27.40
N LEU A 218 4.72 -6.59 -26.58
CA LEU A 218 3.29 -6.99 -26.62
C LEU A 218 2.33 -5.88 -26.24
N LEU A 219 2.71 -5.05 -25.26
CA LEU A 219 1.87 -3.94 -24.80
C LEU A 219 1.73 -2.85 -25.89
N ARG A 220 2.84 -2.53 -26.56
CA ARG A 220 2.85 -1.62 -27.73
C ARG A 220 1.92 -2.04 -28.89
N LYS A 221 1.77 -3.34 -29.12
CA LYS A 221 0.86 -3.87 -30.15
C LYS A 221 -0.59 -4.04 -29.67
N SER A 222 -0.87 -3.76 -28.41
CA SER A 222 -2.21 -3.95 -27.88
C SER A 222 -3.05 -2.75 -28.24
N THR A 223 -4.35 -2.88 -28.08
CA THR A 223 -5.25 -1.73 -28.21
C THR A 223 -5.02 -0.67 -27.14
N PHE A 224 -4.53 -1.04 -25.95
CA PHE A 224 -4.10 -0.07 -24.95
C PHE A 224 -2.59 0.13 -25.07
N LYS A 225 -2.20 0.94 -26.06
CA LYS A 225 -0.79 1.08 -26.45
C LYS A 225 0.09 1.77 -25.42
N ASN A 226 -0.49 2.64 -24.59
CA ASN A 226 0.25 3.36 -23.56
C ASN A 226 0.02 2.78 -22.15
N ALA A 227 -0.26 1.48 -22.05
CA ALA A 227 -0.35 0.82 -20.73
C ALA A 227 1.02 0.88 -20.10
N LYS A 228 1.04 1.04 -18.78
CA LYS A 228 2.27 1.20 -18.05
C LYS A 228 2.79 -0.16 -17.59
N LEU A 229 4.08 -0.22 -17.36
CA LEU A 229 4.78 -1.47 -17.06
C LEU A 229 5.72 -1.21 -15.92
N TYR A 230 5.58 -1.98 -14.82
CA TYR A 230 6.41 -1.73 -13.63
C TYR A 230 7.16 -2.99 -13.26
N GLY A 231 8.36 -2.80 -12.72
CA GLY A 231 9.16 -3.93 -12.29
C GLY A 231 10.41 -3.55 -11.58
N PRO A 232 11.16 -4.52 -11.03
CA PRO A 232 10.93 -5.96 -11.11
C PRO A 232 10.39 -6.58 -9.81
N ASP A 233 9.99 -5.72 -8.86
CA ASP A 233 9.30 -6.19 -7.63
C ASP A 233 10.24 -7.12 -6.85
N VAL A 234 11.50 -6.73 -6.80
CA VAL A 234 12.51 -7.42 -5.95
C VAL A 234 12.23 -7.14 -4.49
N GLY A 235 12.67 -8.09 -3.65
CA GLY A 235 12.71 -7.92 -2.21
C GLY A 235 13.65 -6.82 -1.82
N GLN A 236 13.72 -6.54 -0.53
CA GLN A 236 14.58 -5.44 -0.06
C GLN A 236 16.06 -5.71 -0.35
N PRO A 237 16.86 -4.62 -0.47
CA PRO A 237 18.14 -4.72 -1.14
C PRO A 237 19.29 -5.29 -0.31
N ARG A 238 19.13 -6.54 0.11
CA ARG A 238 20.27 -7.35 0.51
C ARG A 238 21.20 -7.52 -0.71
N ARG A 239 22.47 -7.78 -0.44
CA ARG A 239 23.51 -7.84 -1.48
C ARG A 239 23.11 -8.54 -2.80
N LYS A 240 22.70 -9.81 -2.74
CA LYS A 240 22.36 -10.53 -3.98
C LYS A 240 21.13 -9.92 -4.69
N THR A 241 20.17 -9.44 -3.91
CA THR A 241 19.01 -8.76 -4.50
C THR A 241 19.39 -7.43 -5.21
N ALA A 242 20.28 -6.65 -4.61
CA ALA A 242 20.74 -5.38 -5.21
C ALA A 242 21.51 -5.60 -6.53
N LYS A 243 22.28 -6.68 -6.57
CA LYS A 243 23.01 -7.08 -7.76
C LYS A 243 22.02 -7.45 -8.86
N MET A 244 20.99 -8.21 -8.51
CA MET A 244 19.93 -8.59 -9.45
C MET A 244 19.14 -7.38 -9.96
N LEU A 245 18.82 -6.43 -9.08
CA LEU A 245 18.17 -5.17 -9.47
C LEU A 245 19.02 -4.37 -10.45
N LYS A 246 20.32 -4.28 -10.18
CA LYS A 246 21.23 -3.53 -11.03
C LYS A 246 21.29 -4.13 -12.43
N SER A 247 21.47 -5.45 -12.50
CA SER A 247 21.56 -6.11 -13.82
C SER A 247 20.24 -5.99 -14.55
N PHE A 248 19.13 -6.12 -13.83
CA PHE A 248 17.81 -5.94 -14.45
C PHE A 248 17.65 -4.58 -15.08
N LEU A 249 18.08 -3.54 -14.36
CA LEU A 249 17.85 -2.18 -14.80
C LEU A 249 18.72 -1.85 -15.99
N LYS A 250 19.96 -2.32 -15.97
CA LYS A 250 20.84 -2.28 -17.15
C LYS A 250 20.20 -2.91 -18.38
N ALA A 251 19.64 -4.12 -18.28
CA ALA A 251 19.03 -4.79 -19.44
C ALA A 251 17.62 -4.30 -19.80
N GLY A 252 16.73 -4.15 -18.81
CA GLY A 252 15.31 -3.83 -19.05
C GLY A 252 14.84 -2.46 -18.58
N GLY A 253 15.74 -1.67 -18.00
CA GLY A 253 15.39 -0.40 -17.40
C GLY A 253 14.72 0.60 -18.31
N GLU A 254 14.94 0.46 -19.62
CA GLU A 254 14.34 1.37 -20.57
C GLU A 254 12.83 1.24 -20.68
N VAL A 255 12.29 0.05 -20.50
CA VAL A 255 10.90 -0.21 -20.81
C VAL A 255 9.96 -0.09 -19.59
N ILE A 256 10.51 0.14 -18.41
CA ILE A 256 9.67 0.23 -17.20
C ILE A 256 9.40 1.70 -16.85
N ASP A 257 8.16 1.96 -16.45
CA ASP A 257 7.74 3.29 -16.04
C ASP A 257 8.11 3.65 -14.60
N SER A 258 8.27 2.63 -13.74
CA SER A 258 8.81 2.83 -12.38
C SER A 258 9.52 1.58 -11.93
N VAL A 259 10.47 1.75 -11.02
CA VAL A 259 11.18 0.65 -10.40
C VAL A 259 10.48 0.27 -9.10
N THR A 260 10.14 -0.99 -8.96
CA THR A 260 9.35 -1.45 -7.81
C THR A 260 10.21 -2.39 -6.98
N TRP A 261 10.20 -2.15 -5.67
CA TRP A 261 10.86 -3.02 -4.69
C TRP A 261 9.95 -3.17 -3.46
N HIS A 262 10.29 -4.16 -2.61
CA HIS A 262 9.46 -4.56 -1.48
C HIS A 262 10.21 -4.36 -0.15
N HIS A 263 9.49 -4.05 0.93
CA HIS A 263 10.12 -3.92 2.21
C HIS A 263 9.21 -4.37 3.34
N TYR A 264 9.80 -5.11 4.26
CA TYR A 264 9.16 -5.46 5.58
C TYR A 264 10.24 -5.21 6.62
N TYR A 265 9.88 -4.62 7.75
CA TYR A 265 10.84 -4.36 8.83
C TYR A 265 11.34 -5.68 9.49
N LEU A 266 10.38 -6.57 9.77
CA LEU A 266 10.58 -7.73 10.68
C LEU A 266 10.01 -9.03 10.17
N ASN A 267 10.52 -10.13 10.71
CA ASN A 267 9.88 -11.42 10.62
C ASN A 267 8.68 -11.46 11.54
N GLY A 268 7.49 -11.70 10.99
CA GLY A 268 6.27 -11.76 11.78
C GLY A 268 6.32 -12.86 12.85
N ARG A 269 7.15 -13.87 12.66
CA ARG A 269 7.23 -14.99 13.62
C ARG A 269 7.95 -14.61 14.90
N THR A 270 8.93 -13.72 14.79
CA THR A 270 9.75 -13.32 15.93
C THR A 270 9.54 -11.88 16.45
N ALA A 271 8.85 -11.02 15.70
CA ALA A 271 8.68 -9.61 16.08
C ALA A 271 8.07 -9.48 17.46
N THR A 272 8.58 -8.52 18.22
CA THR A 272 8.01 -8.20 19.54
C THR A 272 7.35 -6.83 19.51
N ARG A 273 6.47 -6.64 20.50
CA ARG A 273 5.92 -5.32 20.82
C ARG A 273 7.02 -4.25 20.90
N GLU A 274 8.13 -4.58 21.55
CA GLU A 274 9.24 -3.62 21.70
C GLU A 274 9.83 -3.24 20.31
N ASP A 275 9.91 -4.20 19.39
CA ASP A 275 10.37 -3.92 18.01
C ASP A 275 9.47 -2.91 17.30
N PHE A 276 8.15 -3.04 17.50
CA PHE A 276 7.18 -2.12 16.88
C PHE A 276 7.27 -0.66 17.35
N LEU A 277 7.85 -0.46 18.54
CA LEU A 277 8.06 0.88 19.09
C LEU A 277 9.51 1.34 19.05
N ASN A 278 10.40 0.58 18.43
CA ASN A 278 11.84 0.85 18.52
C ASN A 278 12.27 1.73 17.35
N PRO A 279 12.68 2.97 17.64
CA PRO A 279 13.17 3.80 16.56
C PRO A 279 14.36 3.23 15.80
N ASP A 280 15.14 2.32 16.39
CA ASP A 280 16.27 1.68 15.66
C ASP A 280 15.72 0.75 14.56
N VAL A 281 14.57 0.12 14.81
CA VAL A 281 13.89 -0.67 13.81
C VAL A 281 13.34 0.24 12.72
N LEU A 282 12.71 1.35 13.11
CA LEU A 282 12.20 2.32 12.12
C LEU A 282 13.32 2.85 11.22
N ASP A 283 14.43 3.21 11.83
CA ASP A 283 15.59 3.73 11.10
C ASP A 283 16.22 2.80 10.06
N ILE A 284 16.17 1.47 10.25
CA ILE A 284 16.78 0.55 9.24
C ILE A 284 16.14 0.65 7.86
N PHE A 285 14.90 1.10 7.79
CA PHE A 285 14.25 1.37 6.51
C PHE A 285 15.04 2.38 5.67
N ILE A 286 15.64 3.39 6.30
CA ILE A 286 16.43 4.42 5.60
C ILE A 286 17.61 3.76 4.84
N SER A 287 18.21 2.72 5.40
CA SER A 287 19.31 2.03 4.75
C SER A 287 18.86 1.30 3.50
N SER A 288 17.69 0.67 3.59
CA SER A 288 17.09 0.02 2.44
C SER A 288 16.83 1.02 1.34
N VAL A 289 16.22 2.17 1.67
CA VAL A 289 15.91 3.20 0.66
C VAL A 289 17.18 3.74 -0.05
N GLN A 290 18.20 4.09 0.73
CA GLN A 290 19.46 4.56 0.17
C GLN A 290 20.11 3.53 -0.77
N LYS A 291 20.10 2.26 -0.40
CA LYS A 291 20.71 1.25 -1.29
C LYS A 291 19.97 1.11 -2.59
N VAL A 292 18.65 1.24 -2.55
CA VAL A 292 17.84 1.18 -3.76
C VAL A 292 18.14 2.35 -4.69
N PHE A 293 18.18 3.55 -4.13
CA PHE A 293 18.44 4.74 -4.93
C PHE A 293 19.85 4.71 -5.52
N GLN A 294 20.80 4.12 -4.81
CA GLN A 294 22.17 3.89 -5.35
C GLN A 294 22.12 3.08 -6.63
N VAL A 295 21.50 1.91 -6.56
CA VAL A 295 21.42 1.01 -7.72
C VAL A 295 20.70 1.75 -8.88
N VAL A 296 19.57 2.39 -8.58
CA VAL A 296 18.81 3.10 -9.60
C VAL A 296 19.57 4.29 -10.21
N GLU A 297 20.19 5.12 -9.40
CA GLU A 297 20.94 6.28 -9.88
C GLU A 297 22.13 5.89 -10.80
N SER A 298 22.77 4.78 -10.52
CA SER A 298 23.89 4.31 -11.34
C SER A 298 23.47 3.65 -12.66
N THR A 299 22.20 3.29 -12.82
CA THR A 299 21.75 2.60 -14.03
C THR A 299 20.64 3.34 -14.81
N ARG A 300 19.61 3.82 -14.11
CA ARG A 300 18.55 4.58 -14.76
C ARG A 300 18.22 5.84 -13.95
N PRO A 301 19.14 6.81 -13.91
CA PRO A 301 18.96 7.99 -13.04
C PRO A 301 17.71 8.81 -13.38
N GLY A 302 17.01 9.26 -12.35
CA GLY A 302 15.77 10.01 -12.48
C GLY A 302 14.53 9.15 -12.65
N LYS A 303 14.70 7.85 -12.85
CA LYS A 303 13.61 6.92 -12.96
C LYS A 303 12.83 6.88 -11.62
N LYS A 304 11.51 6.85 -11.71
CA LYS A 304 10.65 6.81 -10.51
C LYS A 304 10.83 5.52 -9.74
N VAL A 305 10.83 5.65 -8.41
CA VAL A 305 11.04 4.49 -7.50
C VAL A 305 9.80 4.35 -6.62
N TRP A 306 9.23 3.14 -6.60
CA TRP A 306 8.00 2.86 -5.92
C TRP A 306 8.26 1.68 -4.99
N LEU A 307 7.60 1.69 -3.83
CA LEU A 307 7.48 0.49 -3.02
C LEU A 307 6.30 -0.25 -3.49
N GLY A 308 6.55 -1.38 -4.14
CA GLY A 308 5.53 -2.15 -4.76
C GLY A 308 4.78 -3.13 -3.86
N GLU A 309 5.30 -3.36 -2.66
CA GLU A 309 4.63 -4.24 -1.70
C GLU A 309 5.35 -4.02 -0.40
N THR A 310 4.65 -3.53 0.62
CA THR A 310 5.31 -3.23 1.87
C THR A 310 4.38 -3.33 3.10
N SER A 311 4.97 -3.72 4.24
CA SER A 311 4.28 -3.69 5.52
C SER A 311 5.23 -3.87 6.69
N SER A 312 4.62 -4.08 7.85
CA SER A 312 5.35 -4.15 9.14
C SER A 312 6.25 -5.37 9.17
N ALA A 313 5.68 -6.53 8.87
CA ALA A 313 6.34 -7.82 9.14
C ALA A 313 5.98 -8.90 8.12
N TYR A 314 6.99 -9.58 7.54
CA TYR A 314 6.73 -10.63 6.55
C TYR A 314 6.16 -11.91 7.23
N GLY A 315 5.80 -12.90 6.42
CA GLY A 315 5.17 -14.13 6.89
C GLY A 315 3.73 -13.93 7.29
N GLY A 316 3.08 -12.94 6.69
CA GLY A 316 1.69 -12.65 6.97
C GLY A 316 1.43 -11.69 8.11
N GLY A 317 2.47 -11.05 8.65
CA GLY A 317 2.31 -10.11 9.75
C GLY A 317 2.55 -10.73 11.11
N ALA A 318 2.82 -9.87 12.09
CA ALA A 318 3.14 -10.31 13.46
C ALA A 318 1.85 -10.50 14.23
N PRO A 319 1.51 -11.75 14.64
CA PRO A 319 0.23 -11.95 15.37
C PRO A 319 0.09 -11.02 16.57
N LEU A 320 -1.13 -10.56 16.81
CA LEU A 320 -1.40 -9.59 17.88
C LEU A 320 -0.63 -8.25 17.82
N LEU A 321 0.03 -7.92 16.70
CA LEU A 321 0.74 -6.64 16.58
C LEU A 321 0.47 -5.89 15.26
N SER A 322 0.60 -6.58 14.13
CA SER A 322 0.38 -5.95 12.80
C SER A 322 -1.02 -5.44 12.52
N ASP A 323 -2.01 -5.87 13.30
CA ASP A 323 -3.38 -5.43 13.15
C ASP A 323 -3.85 -4.45 14.23
N THR A 324 -2.90 -3.78 14.89
CA THR A 324 -3.16 -2.97 16.08
C THR A 324 -2.81 -1.54 15.87
N PHE A 325 -3.14 -0.70 16.85
CA PHE A 325 -2.71 0.68 16.88
C PHE A 325 -1.19 0.78 16.87
N ALA A 326 -0.51 -0.13 17.56
CA ALA A 326 0.93 -0.14 17.59
C ALA A 326 1.60 -0.31 16.20
N ALA A 327 0.91 -0.86 15.21
CA ALA A 327 1.43 -1.01 13.85
C ALA A 327 1.54 0.36 13.13
N GLY A 328 0.80 1.36 13.60
CA GLY A 328 0.79 2.72 13.03
C GLY A 328 2.09 3.47 13.04
N PHE A 329 2.93 3.19 14.02
CA PHE A 329 4.20 3.85 14.09
C PHE A 329 5.02 3.50 12.86
N MET A 330 5.11 2.21 12.56
CA MET A 330 5.85 1.74 11.35
C MET A 330 5.20 2.25 10.08
N TRP A 331 3.87 2.24 10.01
CA TRP A 331 3.20 2.63 8.78
C TRP A 331 3.36 4.15 8.52
N LEU A 332 3.12 4.97 9.53
CA LEU A 332 3.20 6.42 9.33
C LEU A 332 4.63 6.87 9.10
N ASP A 333 5.56 6.26 9.81
CA ASP A 333 6.96 6.58 9.61
C ASP A 333 7.44 6.19 8.20
N LYS A 334 7.00 5.03 7.72
CA LYS A 334 7.36 4.58 6.41
C LYS A 334 6.86 5.59 5.34
N LEU A 335 5.64 6.07 5.50
CA LEU A 335 5.07 7.05 4.58
C LEU A 335 5.84 8.35 4.62
N GLY A 336 6.16 8.79 5.85
CA GLY A 336 6.88 10.01 6.10
C GLY A 336 8.26 10.01 5.42
N LEU A 337 8.98 8.92 5.64
CA LEU A 337 10.35 8.76 5.14
C LEU A 337 10.35 8.53 3.61
N SER A 338 9.42 7.71 3.14
CA SER A 338 9.27 7.38 1.72
C SER A 338 9.04 8.69 0.94
N ALA A 339 8.16 9.53 1.48
CA ALA A 339 7.88 10.85 0.85
C ALA A 339 9.13 11.73 0.86
N ARG A 340 9.80 11.79 2.02
CA ARG A 340 10.92 12.71 2.22
C ARG A 340 12.19 12.26 1.46
N MET A 341 12.29 10.96 1.16
CA MET A 341 13.48 10.40 0.46
C MET A 341 13.29 10.11 -1.03
N GLY A 342 12.11 10.42 -1.59
CA GLY A 342 11.92 10.39 -3.07
C GLY A 342 11.14 9.24 -3.65
N ILE A 343 10.56 8.38 -2.79
CA ILE A 343 9.68 7.35 -3.24
C ILE A 343 8.34 7.99 -3.59
N GLU A 344 7.83 7.64 -4.76
CA GLU A 344 6.69 8.29 -5.34
C GLU A 344 5.33 7.65 -5.01
N VAL A 345 5.33 6.32 -4.80
CA VAL A 345 4.14 5.54 -4.52
C VAL A 345 4.59 4.46 -3.53
N VAL A 346 3.72 4.18 -2.55
CA VAL A 346 3.96 3.16 -1.52
C VAL A 346 2.75 2.28 -1.52
N MET A 347 2.91 0.98 -1.81
CA MET A 347 1.77 0.08 -1.91
C MET A 347 1.67 -0.84 -0.69
N ARG A 348 0.63 -0.63 0.11
CA ARG A 348 0.46 -1.32 1.38
C ARG A 348 -0.02 -2.75 1.16
N GLN A 349 0.79 -3.70 1.60
CA GLN A 349 0.37 -5.09 1.81
C GLN A 349 -0.34 -5.17 3.17
N VAL A 350 -1.63 -5.41 3.25
CA VAL A 350 -2.57 -5.69 2.17
C VAL A 350 -3.89 -5.00 2.52
N PHE A 351 -4.71 -4.64 1.52
CA PHE A 351 -6.00 -4.01 1.79
C PHE A 351 -6.89 -4.99 2.55
N PHE A 352 -7.03 -6.18 1.97
CA PHE A 352 -7.89 -7.21 2.52
C PHE A 352 -7.27 -8.55 2.15
N GLY A 353 -7.28 -9.51 3.10
CA GLY A 353 -6.77 -10.83 2.78
C GLY A 353 -6.11 -11.55 3.92
N ALA A 354 -5.35 -12.59 3.56
CA ALA A 354 -4.77 -13.50 4.55
C ALA A 354 -3.62 -12.76 5.18
N GLY A 355 -3.53 -12.87 6.50
CA GLY A 355 -2.47 -12.25 7.28
C GLY A 355 -3.18 -11.32 8.24
N ASN A 356 -2.44 -10.72 9.14
CA ASN A 356 -3.06 -9.71 10.00
C ASN A 356 -2.44 -8.34 9.74
N TYR A 357 -1.63 -8.22 8.71
CA TYR A 357 -1.20 -6.87 8.25
C TYR A 357 -2.21 -6.23 7.29
N HIS A 358 -3.36 -6.88 7.14
CA HIS A 358 -4.48 -6.31 6.43
C HIS A 358 -5.00 -5.00 7.04
N LEU A 359 -5.51 -4.13 6.17
CA LEU A 359 -6.14 -2.88 6.59
C LEU A 359 -7.54 -3.11 7.08
N VAL A 360 -8.18 -4.11 6.51
CA VAL A 360 -9.58 -4.43 6.80
C VAL A 360 -9.60 -5.92 7.16
N ASP A 361 -10.34 -6.31 8.20
CA ASP A 361 -10.30 -7.70 8.70
C ASP A 361 -11.26 -8.66 8.00
N GLU A 362 -11.31 -9.91 8.48
CA GLU A 362 -12.22 -10.94 8.00
C GLU A 362 -13.72 -10.55 7.94
N ASN A 363 -14.18 -9.66 8.81
CA ASN A 363 -15.58 -9.19 8.74
C ASN A 363 -15.73 -7.87 8.01
N PHE A 364 -14.74 -7.57 7.16
CA PHE A 364 -14.69 -6.34 6.39
C PHE A 364 -14.67 -5.09 7.31
N ASP A 365 -14.21 -5.20 8.56
CA ASP A 365 -14.11 -4.04 9.45
C ASP A 365 -12.71 -3.40 9.38
N PRO A 366 -12.64 -2.06 9.29
CA PRO A 366 -11.33 -1.36 9.28
C PRO A 366 -10.50 -1.49 10.56
N LEU A 367 -9.21 -1.78 10.40
CA LEU A 367 -8.27 -1.79 11.49
C LEU A 367 -7.68 -0.39 11.72
N PRO A 368 -6.91 -0.22 12.78
CA PRO A 368 -6.43 1.13 13.04
C PRO A 368 -5.61 1.74 11.85
N ASP A 369 -4.85 0.88 11.18
CA ASP A 369 -4.06 1.31 10.01
C ASP A 369 -4.94 1.80 8.88
N TYR A 370 -6.16 1.26 8.72
CA TYR A 370 -7.11 1.82 7.76
C TYR A 370 -7.39 3.29 8.05
N TRP A 371 -7.78 3.55 9.31
CA TRP A 371 -8.16 4.87 9.73
C TRP A 371 -7.00 5.84 9.60
N LEU A 372 -5.80 5.38 9.99
CA LEU A 372 -4.59 6.14 9.80
C LEU A 372 -4.38 6.51 8.30
N SER A 373 -4.49 5.51 7.43
CA SER A 373 -4.42 5.69 5.96
C SER A 373 -5.46 6.67 5.41
N LEU A 374 -6.70 6.59 5.91
CA LEU A 374 -7.77 7.47 5.47
C LEU A 374 -7.52 8.96 5.87
N LEU A 375 -7.07 9.17 7.09
CA LEU A 375 -6.73 10.48 7.60
C LEU A 375 -5.54 11.08 6.80
N PHE A 376 -4.54 10.24 6.57
CA PHE A 376 -3.37 10.60 5.71
C PHE A 376 -3.83 11.06 4.32
N LYS A 377 -4.65 10.25 3.68
CA LYS A 377 -5.19 10.56 2.36
C LYS A 377 -5.96 11.87 2.33
N LYS A 378 -6.81 12.11 3.32
CA LYS A 378 -7.60 13.35 3.35
C LYS A 378 -6.80 14.61 3.64
N LEU A 379 -5.70 14.52 4.40
CA LEU A 379 -4.96 15.67 4.90
C LEU A 379 -3.63 15.97 4.22
N VAL A 380 -2.94 14.96 3.73
CA VAL A 380 -1.55 15.13 3.29
C VAL A 380 -1.54 15.35 1.77
N GLY A 381 -0.89 16.43 1.31
CA GLY A 381 -0.78 16.74 -0.10
C GLY A 381 0.44 16.14 -0.77
N THR A 382 0.53 16.39 -2.06
CA THR A 382 1.58 15.81 -2.88
C THR A 382 2.94 16.47 -2.74
N LYS A 383 2.97 17.74 -2.36
CA LYS A 383 4.25 18.45 -2.26
C LYS A 383 4.89 18.21 -0.88
N VAL A 384 6.05 17.57 -0.88
CA VAL A 384 6.79 17.20 0.33
C VAL A 384 7.70 18.36 0.71
N LEU A 385 7.55 18.84 1.92
CA LEU A 385 8.41 19.86 2.50
C LEU A 385 9.25 19.18 3.59
N MET A 386 9.87 19.95 4.48
CA MET A 386 10.69 19.35 5.53
C MET A 386 10.45 20.00 6.86
N ALA A 387 10.52 19.17 7.90
CA ALA A 387 10.50 19.63 9.27
C ALA A 387 11.59 18.92 10.07
N SER A 388 11.94 19.49 11.20
CA SER A 388 12.92 18.87 12.06
C SER A 388 12.76 19.37 13.46
N VAL A 389 13.32 18.62 14.39
CA VAL A 389 13.28 19.02 15.79
C VAL A 389 14.67 19.39 16.23
N GLN A 390 14.74 20.45 17.05
CA GLN A 390 15.98 21.03 17.53
C GLN A 390 16.46 20.26 18.76
N GLY A 391 17.76 19.99 18.82
CA GLY A 391 18.39 19.31 19.95
C GLY A 391 18.98 17.93 19.68
N SER A 392 18.93 17.48 18.42
CA SER A 392 19.47 16.18 18.01
C SER A 392 18.97 14.98 18.81
N LYS A 393 17.67 14.99 19.14
CA LYS A 393 16.98 13.79 19.59
C LYS A 393 15.71 13.69 18.76
N ARG A 394 15.96 13.35 17.51
CA ARG A 394 15.00 13.16 16.47
C ARG A 394 14.62 11.69 16.31
N ARG A 395 15.29 10.79 17.05
CA ARG A 395 14.96 9.37 16.98
C ARG A 395 13.53 9.12 17.47
N LYS A 396 13.14 9.74 18.58
CA LYS A 396 11.88 9.41 19.19
C LYS A 396 10.73 10.39 18.92
N LEU A 397 11.05 11.58 18.41
CA LEU A 397 10.04 12.54 17.97
C LEU A 397 10.26 12.79 16.48
N ARG A 398 9.44 12.13 15.66
CA ARG A 398 9.65 12.05 14.23
C ARG A 398 8.62 12.92 13.52
N VAL A 399 9.08 13.91 12.76
CA VAL A 399 8.16 14.89 12.16
C VAL A 399 8.30 15.00 10.65
N TYR A 400 7.19 15.20 9.99
CA TYR A 400 7.05 15.25 8.56
C TYR A 400 6.12 16.38 8.17
N LEU A 401 6.38 17.00 7.02
CA LEU A 401 5.64 18.18 6.59
C LEU A 401 5.40 18.19 5.10
N HIS A 402 4.15 18.37 4.70
CA HIS A 402 3.74 18.52 3.33
C HIS A 402 2.78 19.71 3.21
N CYS A 403 2.53 20.13 1.99
CA CYS A 403 1.37 20.97 1.70
C CYS A 403 0.10 20.17 2.01
N THR A 404 -0.90 20.87 2.50
CA THR A 404 -2.21 20.24 2.74
C THR A 404 -2.85 19.77 1.45
N ASN A 405 -3.47 18.60 1.48
CA ASN A 405 -4.17 18.05 0.35
C ASN A 405 -5.19 19.09 -0.23
N THR A 406 -5.00 19.49 -1.48
CA THR A 406 -5.83 20.52 -2.16
C THR A 406 -7.27 20.06 -2.44
N ASP A 407 -7.50 18.75 -2.58
CA ASP A 407 -8.84 18.16 -2.67
C ASP A 407 -9.69 18.36 -1.41
N ASN A 408 -9.07 18.64 -0.27
CA ASN A 408 -9.84 18.79 0.96
C ASN A 408 -10.58 20.14 0.98
N PRO A 409 -11.94 20.12 1.06
CA PRO A 409 -12.71 21.38 1.02
C PRO A 409 -12.62 22.29 2.25
N ARG A 410 -12.13 21.80 3.39
CA ARG A 410 -11.96 22.68 4.54
C ARG A 410 -10.74 23.63 4.41
N TYR A 411 -9.81 23.31 3.51
CA TYR A 411 -8.51 23.95 3.53
C TYR A 411 -8.28 24.60 2.20
N LYS A 412 -7.17 25.31 2.07
CA LYS A 412 -6.89 26.12 0.87
C LYS A 412 -5.42 26.14 0.47
N GLU A 413 -5.17 26.59 -0.76
CA GLU A 413 -3.82 26.81 -1.27
C GLU A 413 -2.98 27.51 -0.21
N GLY A 414 -1.81 26.94 0.05
CA GLY A 414 -0.85 27.49 1.00
C GLY A 414 -0.86 26.85 2.38
N ASP A 415 -1.88 26.04 2.68
CA ASP A 415 -2.00 25.41 4.02
C ASP A 415 -1.01 24.25 4.13
N LEU A 416 -0.58 23.99 5.35
CA LEU A 416 0.40 22.96 5.65
C LEU A 416 -0.19 21.86 6.52
N THR A 417 0.21 20.63 6.21
CA THR A 417 -0.03 19.48 7.06
C THR A 417 1.25 18.92 7.64
N LEU A 418 1.30 18.99 8.97
CA LEU A 418 2.35 18.42 9.75
C LEU A 418 1.83 17.11 10.32
N TYR A 419 2.72 16.14 10.40
CA TYR A 419 2.42 14.89 11.09
C TYR A 419 3.57 14.45 11.90
N ALA A 420 3.26 13.85 13.06
CA ALA A 420 4.26 13.61 14.03
C ALA A 420 4.01 12.33 14.82
N ILE A 421 5.11 11.67 15.15
CA ILE A 421 5.10 10.43 15.90
C ILE A 421 5.88 10.73 17.15
N ASN A 422 5.29 10.39 18.30
CA ASN A 422 5.98 10.46 19.60
C ASN A 422 6.16 9.06 20.17
N LEU A 423 7.42 8.61 20.18
CA LEU A 423 7.80 7.31 20.75
C LEU A 423 8.51 7.44 22.10
N HIS A 424 8.52 8.64 22.67
CA HIS A 424 8.87 8.81 24.08
C HIS A 424 7.74 8.24 24.92
N ASN A 425 8.05 7.85 26.16
CA ASN A 425 7.03 7.42 27.13
C ASN A 425 6.41 8.58 27.93
N VAL A 426 6.63 9.82 27.50
CA VAL A 426 5.96 10.98 28.10
C VAL A 426 5.39 11.88 27.01
N THR A 427 4.49 12.78 27.41
CA THR A 427 3.94 13.77 26.50
C THR A 427 5.00 14.76 26.04
N LYS A 428 4.95 15.16 24.77
CA LYS A 428 5.85 16.19 24.22
C LYS A 428 5.03 17.31 23.63
N TYR A 429 5.55 18.53 23.71
CA TYR A 429 4.85 19.70 23.19
C TYR A 429 5.70 20.30 22.10
N LEU A 430 5.12 20.53 20.93
CA LEU A 430 5.85 21.06 19.77
C LEU A 430 5.51 22.53 19.61
N ARG A 431 6.52 23.36 19.38
CA ARG A 431 6.30 24.77 19.12
C ARG A 431 6.56 25.05 17.65
N LEU A 432 5.55 25.57 16.98
CA LEU A 432 5.67 26.01 15.59
C LEU A 432 6.56 27.24 15.47
N PRO A 433 7.40 27.29 14.41
CA PRO A 433 8.23 28.48 14.17
C PRO A 433 7.47 29.62 13.50
N TYR A 434 7.91 30.87 13.70
CA TYR A 434 7.50 31.98 12.85
C TYR A 434 7.77 31.60 11.40
N PRO A 435 6.88 31.92 10.44
CA PRO A 435 5.67 32.73 10.61
C PRO A 435 4.38 31.91 10.76
N PHE A 436 4.48 30.77 11.43
CA PHE A 436 3.33 29.87 11.66
C PHE A 436 2.96 29.78 13.13
N SER A 437 3.50 30.70 13.93
CA SER A 437 3.42 30.66 15.37
C SER A 437 2.18 31.38 15.94
N ASN A 438 1.38 32.09 15.12
CA ASN A 438 0.07 32.61 15.57
C ASN A 438 -0.99 32.32 14.52
N LYS A 439 -1.21 31.02 14.30
CA LYS A 439 -2.17 30.53 13.31
C LYS A 439 -3.22 29.64 13.95
N GLN A 440 -4.35 29.53 13.26
CA GLN A 440 -5.38 28.58 13.62
C GLN A 440 -4.81 27.23 13.15
N VAL A 441 -4.83 26.24 14.03
CA VAL A 441 -4.33 24.90 13.71
C VAL A 441 -5.44 23.90 14.09
N ASP A 442 -5.68 22.95 13.19
CA ASP A 442 -6.60 21.82 13.41
C ASP A 442 -5.80 20.59 13.76
N LYS A 443 -6.12 19.98 14.91
CA LYS A 443 -5.44 18.80 15.43
C LYS A 443 -6.24 17.54 15.09
N TYR A 444 -5.49 16.49 14.71
CA TYR A 444 -6.07 15.18 14.43
C TYR A 444 -5.26 14.07 15.10
N LEU A 445 -5.49 13.92 16.40
CA LEU A 445 -4.75 13.01 17.26
C LEU A 445 -5.41 11.65 17.34
N LEU A 446 -4.64 10.60 17.05
CA LEU A 446 -5.09 9.21 17.13
C LEU A 446 -4.57 8.54 18.37
N ARG A 447 -5.48 7.88 19.08
CA ARG A 447 -5.15 7.14 20.29
C ARG A 447 -5.90 5.84 20.32
N PRO A 448 -5.34 4.82 20.97
CA PRO A 448 -6.05 3.56 20.96
C PRO A 448 -7.15 3.56 21.98
N LEU A 449 -8.22 2.83 21.69
CA LEU A 449 -9.36 2.68 22.59
C LEU A 449 -9.20 1.42 23.46
N GLY A 450 -9.44 1.57 24.76
CA GLY A 450 -9.72 0.41 25.62
C GLY A 450 -8.52 -0.19 26.32
N PRO A 451 -8.74 -1.30 27.07
CA PRO A 451 -7.74 -1.84 28.00
C PRO A 451 -6.42 -2.35 27.41
N HIS A 452 -6.44 -2.77 26.15
CA HIS A 452 -5.22 -3.27 25.52
C HIS A 452 -4.23 -2.18 25.11
N GLY A 453 -4.65 -0.90 25.23
CA GLY A 453 -3.77 0.23 25.02
C GLY A 453 -3.25 0.12 23.59
N LEU A 454 -1.94 0.18 23.43
CA LEU A 454 -1.28 0.14 22.11
C LEU A 454 -1.60 -1.10 21.27
N LEU A 455 -1.93 -2.21 21.93
CA LEU A 455 -2.33 -3.44 21.23
C LEU A 455 -3.81 -3.54 20.88
N SER A 456 -4.55 -2.47 21.07
CA SER A 456 -5.96 -2.43 20.66
C SER A 456 -6.11 -2.38 19.15
N LYS A 457 -7.26 -2.89 18.70
CA LYS A 457 -7.66 -2.87 17.30
C LYS A 457 -8.67 -1.79 17.04
N SER A 458 -8.85 -0.87 18.00
CA SER A 458 -9.82 0.20 17.88
C SER A 458 -9.10 1.48 18.22
N VAL A 459 -9.54 2.55 17.57
CA VAL A 459 -8.82 3.82 17.61
C VAL A 459 -9.79 4.99 17.74
N GLN A 460 -9.37 5.99 18.52
CA GLN A 460 -10.11 7.23 18.58
C GLN A 460 -9.32 8.37 17.95
N LEU A 461 -10.08 9.21 17.29
CA LEU A 461 -9.63 10.49 16.74
C LEU A 461 -10.11 11.67 17.60
N ASN A 462 -9.19 12.37 18.26
CA ASN A 462 -9.58 13.48 19.15
C ASN A 462 -10.69 13.03 20.14
N GLY A 463 -10.53 11.79 20.63
CA GLY A 463 -11.41 11.26 21.68
C GLY A 463 -12.72 10.66 21.25
N LEU A 464 -12.94 10.51 19.93
CA LEU A 464 -14.16 9.92 19.39
C LEU A 464 -13.77 8.64 18.65
N THR A 465 -14.32 7.50 19.09
CA THR A 465 -14.09 6.20 18.40
C THR A 465 -14.43 6.28 16.89
N LEU A 466 -13.46 5.91 16.04
CA LEU A 466 -13.68 5.82 14.60
C LEU A 466 -14.28 4.46 14.25
N LYS A 467 -15.39 4.53 13.54
CA LYS A 467 -16.21 3.38 13.18
C LYS A 467 -16.94 3.76 11.90
N MET A 468 -17.15 2.79 11.00
CA MET A 468 -18.00 3.03 9.87
C MET A 468 -19.37 3.42 10.39
N VAL A 469 -20.04 4.33 9.70
CA VAL A 469 -21.39 4.72 10.05
C VAL A 469 -22.29 3.52 9.79
N ASP A 470 -22.18 3.00 8.57
CA ASP A 470 -22.87 1.79 8.13
C ASP A 470 -22.06 1.23 6.97
N ASP A 471 -22.57 0.21 6.28
CA ASP A 471 -21.82 -0.42 5.18
C ASP A 471 -21.54 0.47 3.97
N GLN A 472 -22.34 1.51 3.78
CA GLN A 472 -22.24 2.40 2.63
C GLN A 472 -21.55 3.71 3.00
N THR A 473 -21.18 3.91 4.26
CA THR A 473 -20.84 5.27 4.76
C THR A 473 -19.68 5.30 5.73
N LEU A 474 -18.62 6.04 5.35
CA LEU A 474 -17.54 6.41 6.30
C LEU A 474 -17.95 7.59 7.18
N PRO A 475 -17.41 7.67 8.39
CA PRO A 475 -17.71 8.83 9.23
C PRO A 475 -16.96 10.10 8.79
N PRO A 476 -17.42 11.27 9.23
CA PRO A 476 -16.58 12.46 9.10
C PRO A 476 -15.40 12.33 10.06
N LEU A 477 -14.29 12.95 9.69
CA LEU A 477 -13.10 12.90 10.53
C LEU A 477 -13.00 14.30 11.08
N MET A 478 -13.32 14.42 12.37
CA MET A 478 -13.55 15.71 13.00
C MET A 478 -12.29 16.23 13.71
N GLU A 479 -11.80 17.33 13.18
CA GLU A 479 -10.74 18.13 13.73
C GLU A 479 -11.05 18.70 15.12
N LYS A 480 -9.99 18.99 15.83
CA LYS A 480 -10.08 19.72 17.09
C LYS A 480 -9.30 21.03 16.89
N PRO A 481 -10.02 22.16 16.69
CA PRO A 481 -9.29 23.41 16.52
C PRO A 481 -8.54 23.79 17.80
N LEU A 482 -7.34 24.32 17.65
CA LEU A 482 -6.53 24.66 18.81
C LEU A 482 -6.54 26.19 18.95
N ARG A 483 -6.14 26.68 20.13
CA ARG A 483 -5.96 28.11 20.35
C ARG A 483 -4.77 28.58 19.52
N PRO A 484 -4.92 29.69 18.78
CA PRO A 484 -3.78 30.26 18.03
C PRO A 484 -2.56 30.49 18.91
N GLY A 485 -1.37 30.16 18.43
CA GLY A 485 -0.17 30.22 19.27
C GLY A 485 0.11 29.09 20.25
N SER A 486 -0.85 28.20 20.47
CA SER A 486 -0.63 27.11 21.42
C SER A 486 0.34 26.10 20.82
N SER A 487 1.02 25.41 21.72
CA SER A 487 1.93 24.37 21.31
C SER A 487 1.09 23.16 20.96
N LEU A 488 1.68 22.25 20.20
CA LEU A 488 1.00 21.06 19.70
C LEU A 488 1.37 19.89 20.60
N GLY A 489 0.41 19.44 21.40
CA GLY A 489 0.66 18.40 22.39
C GLY A 489 0.51 17.01 21.82
N LEU A 490 1.49 16.16 22.09
CA LEU A 490 1.52 14.82 21.56
C LEU A 490 1.75 13.86 22.73
N PRO A 491 0.70 13.13 23.13
CA PRO A 491 0.86 12.16 24.21
C PRO A 491 1.93 11.11 23.97
N ALA A 492 2.35 10.44 25.04
CA ALA A 492 3.24 9.29 24.94
C ALA A 492 2.74 8.26 23.93
N PHE A 493 3.64 7.73 23.09
CA PHE A 493 3.24 6.66 22.17
C PHE A 493 1.97 7.01 21.38
N SER A 494 2.02 8.12 20.67
CA SER A 494 0.91 8.48 19.80
C SER A 494 1.44 9.08 18.49
N TYR A 495 0.50 9.38 17.62
CA TYR A 495 0.77 10.09 16.37
C TYR A 495 -0.41 10.96 16.03
N SER A 496 -0.12 12.08 15.39
CA SER A 496 -1.12 13.08 15.08
C SER A 496 -0.78 13.83 13.80
N PHE A 497 -1.84 14.32 13.15
CA PHE A 497 -1.75 15.32 12.10
C PHE A 497 -2.14 16.69 12.64
N PHE A 498 -1.53 17.75 12.08
CA PHE A 498 -1.90 19.13 12.44
C PHE A 498 -1.97 19.91 11.15
N VAL A 499 -3.11 20.55 10.86
CA VAL A 499 -3.26 21.39 9.65
C VAL A 499 -3.09 22.86 10.07
N ILE A 500 -2.09 23.54 9.50
CA ILE A 500 -1.86 24.95 9.76
C ILE A 500 -2.61 25.79 8.75
N ARG A 501 -3.66 26.45 9.23
CA ARG A 501 -4.59 27.16 8.39
C ARG A 501 -4.09 28.56 8.12
N ASN A 502 -4.34 28.98 6.89
CA ASN A 502 -3.89 30.27 6.36
C ASN A 502 -2.38 30.43 6.47
N ALA A 503 -1.66 29.35 6.21
CA ALA A 503 -0.21 29.37 6.38
C ALA A 503 0.41 30.16 5.21
N LYS A 504 -0.29 30.20 4.08
CA LYS A 504 0.11 30.99 2.88
C LYS A 504 1.50 30.64 2.35
N VAL A 505 1.82 29.35 2.34
CA VAL A 505 3.10 28.91 1.84
C VAL A 505 3.10 28.94 0.32
N ALA A 506 4.00 29.73 -0.28
CA ALA A 506 4.00 29.94 -1.75
C ALA A 506 4.22 28.67 -2.56
N ALA A 507 5.10 27.81 -2.05
CA ALA A 507 5.37 26.49 -2.61
C ALA A 507 4.16 25.56 -2.71
N CYS A 508 3.14 25.77 -1.87
CA CYS A 508 1.90 24.96 -1.84
C CYS A 508 0.76 25.55 -2.67
N ILE A 509 1.09 26.41 -3.62
CA ILE A 509 0.08 27.14 -4.40
C ILE A 509 0.33 26.72 -5.83
C1 NAG B . 22.38 -14.54 -17.17
C2 NAG B . 23.88 -14.85 -17.33
C3 NAG B . 24.16 -15.24 -18.78
C4 NAG B . 23.19 -16.33 -19.25
C5 NAG B . 21.73 -16.03 -18.99
C6 NAG B . 20.89 -17.30 -19.16
C7 NAG B . 25.18 -13.52 -15.70
C8 NAG B . 25.99 -12.27 -15.47
N2 NAG B . 24.69 -13.70 -16.94
O3 NAG B . 25.52 -15.71 -18.85
O4 NAG B . 23.25 -16.50 -20.67
O5 NAG B . 21.55 -15.59 -17.64
O6 NAG B . 19.62 -16.94 -19.71
O7 NAG B . 24.99 -14.29 -14.78
C1 NAG B . 23.85 -17.75 -21.01
C2 NAG B . 23.67 -17.94 -22.50
C3 NAG B . 24.31 -19.25 -22.91
C4 NAG B . 25.80 -19.18 -22.54
C5 NAG B . 26.07 -18.74 -21.11
C6 NAG B . 27.49 -18.19 -20.98
C7 NAG B . 21.74 -16.81 -23.54
C8 NAG B . 20.31 -16.95 -23.96
N2 NAG B . 22.28 -17.89 -22.95
O3 NAG B . 24.12 -19.37 -24.33
O4 NAG B . 26.45 -20.47 -22.68
O5 NAG B . 25.23 -17.69 -20.65
O6 NAG B . 28.12 -18.85 -19.90
O7 NAG B . 22.39 -15.78 -23.72
C1 BMA B . 27.39 -20.46 -23.78
C2 BMA B . 28.51 -21.46 -23.54
C3 BMA B . 29.43 -21.50 -24.76
C4 BMA B . 28.66 -21.62 -26.09
C5 BMA B . 27.48 -20.64 -26.16
C6 BMA B . 26.52 -20.91 -27.32
O2 BMA B . 27.94 -22.75 -23.31
O3 BMA B . 30.42 -22.54 -24.62
O4 BMA B . 29.60 -21.32 -27.12
O5 BMA B . 26.67 -20.71 -24.99
O6 BMA B . 25.62 -19.80 -27.45
C1 NAG C . 11.10 5.92 29.70
C2 NAG C . 11.46 4.76 30.66
C3 NAG C . 12.92 4.71 31.16
C4 NAG C . 13.90 5.03 30.03
C5 NAG C . 13.44 6.38 29.46
C6 NAG C . 14.42 7.07 28.51
C7 NAG C . 9.42 4.30 31.92
C8 NAG C . 8.59 4.75 33.09
N2 NAG C . 10.54 5.00 31.74
O3 NAG C . 13.27 3.41 31.67
O4 NAG C . 15.24 5.03 30.55
O5 NAG C . 12.18 6.15 28.79
O6 NAG C . 13.76 8.20 27.88
O7 NAG C . 9.12 3.36 31.20
C1 FUC C . 13.98 9.48 28.54
C2 FUC C . 13.66 10.66 27.61
C3 FUC C . 12.17 10.96 27.49
C4 FUC C . 11.52 11.01 28.85
C5 FUC C . 11.83 9.74 29.60
C6 FUC C . 11.13 9.80 30.93
O2 FUC C . 14.20 10.41 26.30
O3 FUC C . 11.95 12.22 26.87
O4 FUC C . 12.01 12.11 29.60
O5 FUC C . 13.25 9.61 29.77
C1 NAG D . 3.61 -24.73 -13.73
C2 NAG D . 4.82 -25.64 -13.47
C3 NAG D . 5.93 -25.26 -14.46
C4 NAG D . 5.45 -25.32 -15.90
C5 NAG D . 4.22 -24.46 -16.10
C6 NAG D . 3.68 -24.57 -17.53
C7 NAG D . 4.94 -26.23 -11.05
C8 NAG D . 5.71 -25.93 -9.78
N2 NAG D . 5.36 -25.53 -12.13
O3 NAG D . 7.07 -26.12 -14.26
O4 NAG D . 6.47 -24.84 -16.78
O5 NAG D . 3.24 -24.85 -15.13
O6 NAG D . 2.29 -24.88 -17.52
O7 NAG D . 4.03 -27.04 -11.05
C1 NAG E . 4.99 -21.50 -24.85
C2 NAG E . 5.69 -22.54 -25.73
C3 NAG E . 4.66 -23.31 -26.57
C4 NAG E . 3.46 -23.76 -25.73
C5 NAG E . 2.87 -22.54 -25.02
C6 NAG E . 1.58 -22.80 -24.25
C7 NAG E . 7.96 -21.90 -26.51
C8 NAG E . 8.72 -21.03 -27.49
N2 NAG E . 6.63 -21.82 -26.59
O3 NAG E . 5.26 -24.45 -27.18
O4 NAG E . 2.51 -24.43 -26.55
O5 NAG E . 3.88 -22.06 -24.14
O6 NAG E . 1.83 -23.67 -23.14
O7 NAG E . 8.58 -22.61 -25.72
C1 EDO F . -0.32 12.04 -0.32
O1 EDO F . -1.43 11.22 0.17
C2 EDO F . -0.77 12.54 -1.70
O2 EDO F . -1.73 13.58 -1.50
C1 EDO G . 4.19 -11.00 2.99
O1 EDO G . 3.71 -11.82 4.05
C2 EDO G . 5.66 -11.29 2.83
O2 EDO G . 5.90 -12.63 3.28
C1 EDO H . -9.92 1.25 -13.75
O1 EDO H . -9.02 2.26 -14.23
C2 EDO H . -9.19 0.03 -13.17
O2 EDO H . -7.78 0.09 -13.39
C1 EDO I . 5.55 7.27 -12.70
O1 EDO I . 4.39 7.87 -12.08
C2 EDO I . 5.27 6.30 -13.85
O2 EDO I . 3.87 5.97 -14.08
C1 EDO J . 19.67 -2.98 15.28
O1 EDO J . 18.83 -2.52 16.35
C2 EDO J . 18.88 -3.93 14.39
O2 EDO J . 17.71 -3.26 13.89
#